data_5CY3
#
_entry.id   5CY3
#
_cell.length_a   41.504
_cell.length_b   37.656
_cell.length_c   90.888
_cell.angle_alpha   90.000
_cell.angle_beta   100.140
_cell.angle_gamma   90.000
#
_symmetry.space_group_name_H-M   'P 1 21 1'
#
loop_
_entity.id
_entity.type
_entity.pdbx_description
1 polymer 'Tyrosine-protein kinase SYK'
2 non-polymer (5R)-5-[(1R)-1-{[6-(1-methyl-1H-pyrazol-4-yl)-2,1-benzothiazol-4-yl]oxy}ethyl]-1,3-oxazolidin-2-one
3 water water
#
_entity_poly.entity_id   1
_entity_poly.type   'polypeptide(L)'
_entity_poly.pdbx_seq_one_letter_code
;MALEEIRPKEVYLDRKLLTLEDKELGSGNFGTVKKGYYQMKKVVKTVAVKILKNEANDPALKDELLAEANVMQQLDNPYI
VRMIGICEAESWMLVMEMAELGPLNKYLQQNRHVTDKNIIELVHQVSMGMKYLEESNFVHRDLAARNVLLVTQHYAKISD
FGLSKALRADENYYKAQTHGKWPVKWYAPECINYYKFSSKSDVWSFGVLMWEAFSYGQKPYRGMKGSEVTAMLEKGERMG
CPAGCPREMYDLMNLCWTYDVENRPGFAAVELRLRNYYYDVVNEGHHHHHH
;
_entity_poly.pdbx_strand_id   A
#
# COMPACT_ATOMS: atom_id res chain seq x y z
N PRO A 8 21.20 9.54 -4.30
CA PRO A 8 20.84 8.27 -4.93
C PRO A 8 20.64 8.43 -6.44
N LYS A 9 21.62 8.00 -7.25
CA LYS A 9 21.53 8.15 -8.69
C LYS A 9 20.58 7.15 -9.34
N GLU A 10 19.76 7.61 -10.31
CA GLU A 10 18.85 6.76 -11.09
C GLU A 10 19.66 5.67 -11.81
N VAL A 11 19.16 4.43 -11.79
CA VAL A 11 19.78 3.28 -12.45
C VAL A 11 19.01 3.03 -13.76
N TYR A 12 19.68 3.15 -14.90
CA TYR A 12 19.07 2.92 -16.20
C TYR A 12 19.33 1.49 -16.63
N LEU A 13 18.32 0.84 -17.20
CA LEU A 13 18.40 -0.53 -17.70
C LEU A 13 18.37 -0.56 -19.21
N ASP A 14 18.95 -1.62 -19.80
CA ASP A 14 19.02 -1.75 -21.24
C ASP A 14 17.78 -2.47 -21.76
N ARG A 15 17.03 -1.77 -22.64
CA ARG A 15 15.80 -2.27 -23.27
C ARG A 15 16.02 -3.61 -23.99
N LYS A 16 17.20 -3.78 -24.64
CA LYS A 16 17.58 -4.99 -25.36
C LYS A 16 17.69 -6.22 -24.44
N LEU A 17 17.82 -6.01 -23.12
CA LEU A 17 17.92 -7.10 -22.14
C LEU A 17 16.58 -7.38 -21.43
N LEU A 18 15.51 -6.69 -21.85
CA LEU A 18 14.17 -6.78 -21.27
C LEU A 18 13.16 -7.34 -22.28
N THR A 19 12.39 -8.37 -21.87
CA THR A 19 11.32 -8.99 -22.66
C THR A 19 10.02 -8.81 -21.87
N LEU A 20 8.94 -8.32 -22.53
CA LEU A 20 7.63 -8.08 -21.91
C LEU A 20 6.51 -8.97 -22.45
N GLU A 21 5.62 -9.45 -21.56
CA GLU A 21 4.46 -10.24 -21.95
C GLU A 21 3.29 -9.25 -22.16
N ASP A 22 2.35 -9.53 -23.08
CA ASP A 22 1.24 -8.61 -23.36
C ASP A 22 0.14 -8.63 -22.30
N LYS A 23 0.04 -9.74 -21.53
CA LYS A 23 -0.95 -9.90 -20.47
C LYS A 23 -0.60 -8.98 -19.30
N GLU A 24 -1.51 -8.05 -19.01
CA GLU A 24 -1.37 -7.10 -17.91
C GLU A 24 -1.63 -7.77 -16.57
N LEU A 25 -0.84 -7.37 -15.57
CA LEU A 25 -0.96 -7.83 -14.19
C LEU A 25 -1.94 -6.89 -13.45
N GLY A 26 -2.20 -5.73 -14.05
CA GLY A 26 -3.09 -4.71 -13.52
C GLY A 26 -2.48 -3.34 -13.70
N SER A 27 -3.05 -2.34 -13.04
CA SER A 27 -2.55 -0.98 -13.14
C SER A 27 -2.27 -0.41 -11.78
N GLY A 28 -1.29 0.48 -11.74
CA GLY A 28 -0.92 1.23 -10.56
C GLY A 28 -1.38 2.66 -10.80
N ASN A 29 -1.07 3.56 -9.87
CA ASN A 29 -1.44 4.96 -10.03
C ASN A 29 -0.91 5.54 -11.35
N PHE A 30 0.36 5.26 -11.70
CA PHE A 30 0.98 5.86 -12.89
C PHE A 30 1.53 4.87 -13.92
N GLY A 31 0.74 3.85 -14.21
CA GLY A 31 1.11 2.92 -15.26
C GLY A 31 0.48 1.56 -15.18
N THR A 32 0.47 0.87 -16.33
CA THR A 32 -0.01 -0.48 -16.45
C THR A 32 1.20 -1.33 -16.14
N VAL A 33 1.00 -2.39 -15.36
CA VAL A 33 2.08 -3.27 -14.95
C VAL A 33 1.99 -4.58 -15.69
N LYS A 34 3.10 -5.00 -16.29
CA LYS A 34 3.18 -6.25 -17.02
C LYS A 34 4.37 -7.06 -16.51
N LYS A 35 4.27 -8.39 -16.60
CA LYS A 35 5.34 -9.31 -16.21
C LYS A 35 6.41 -9.25 -17.30
N GLY A 36 7.65 -9.28 -16.86
CA GLY A 36 8.79 -9.23 -17.77
C GLY A 36 9.95 -10.04 -17.28
N TYR A 37 11.00 -10.06 -18.10
CA TYR A 37 12.23 -10.80 -17.84
C TYR A 37 13.41 -9.90 -18.15
N TYR A 38 14.30 -9.73 -17.19
CA TYR A 38 15.50 -8.92 -17.38
C TYR A 38 16.74 -9.80 -17.36
N GLN A 39 17.44 -9.85 -18.51
CA GLN A 39 18.66 -10.65 -18.68
C GLN A 39 19.81 -9.97 -17.95
N MET A 40 20.18 -10.54 -16.82
CA MET A 40 21.23 -10.00 -16.04
C MET A 40 22.37 -11.02 -16.11
N LYS A 41 23.44 -10.70 -16.80
CA LYS A 41 24.58 -11.61 -16.91
C LYS A 41 23.99 -12.89 -17.48
N LYS A 42 24.23 -14.03 -16.83
CA LYS A 42 23.69 -15.32 -17.29
C LYS A 42 22.30 -15.74 -16.74
N VAL A 43 21.79 -15.00 -15.76
CA VAL A 43 20.50 -15.30 -15.15
C VAL A 43 19.39 -14.38 -15.73
N VAL A 44 18.25 -15.00 -16.10
CA VAL A 44 17.08 -14.31 -16.64
C VAL A 44 16.17 -14.10 -15.41
N LYS A 45 16.04 -12.83 -14.95
CA LYS A 45 15.28 -12.48 -13.76
C LYS A 45 13.84 -12.05 -14.08
N THR A 46 12.85 -12.66 -13.40
CA THR A 46 11.43 -12.31 -13.53
C THR A 46 11.24 -10.94 -12.86
N VAL A 47 10.55 -10.01 -13.53
CA VAL A 47 10.34 -8.64 -13.04
C VAL A 47 8.91 -8.19 -13.30
N ALA A 48 8.48 -7.10 -12.63
CA ALA A 48 7.19 -6.45 -12.86
C ALA A 48 7.56 -5.10 -13.45
N VAL A 49 6.96 -4.74 -14.59
CA VAL A 49 7.30 -3.51 -15.31
C VAL A 49 6.12 -2.59 -15.38
N LYS A 50 6.24 -1.41 -14.77
CA LYS A 50 5.20 -0.39 -14.78
C LYS A 50 5.50 0.50 -15.96
N ILE A 51 4.59 0.58 -16.90
CA ILE A 51 4.76 1.27 -18.16
C ILE A 51 3.91 2.49 -18.22
N LEU A 52 4.50 3.66 -18.39
CA LEU A 52 3.72 4.88 -18.46
C LEU A 52 3.23 5.09 -19.89
N LYS A 53 1.98 4.76 -20.11
CA LYS A 53 1.27 5.07 -21.34
C LYS A 53 0.93 6.54 -21.51
N ASN A 54 0.37 7.12 -20.50
CA ASN A 54 0.00 8.53 -20.47
C ASN A 54 -0.90 8.90 -21.67
N GLU A 55 -2.19 8.48 -21.61
CA GLU A 55 -3.20 8.72 -22.64
C GLU A 55 -3.82 10.10 -22.46
N ASP A 58 -0.99 14.37 -20.46
CA ASP A 58 -0.58 14.97 -19.19
C ASP A 58 0.96 14.94 -19.08
N PRO A 59 1.66 16.08 -19.30
CA PRO A 59 3.14 16.07 -19.23
C PRO A 59 3.71 15.83 -17.84
N ALA A 60 2.97 16.20 -16.77
CA ALA A 60 3.38 16.00 -15.37
C ALA A 60 3.50 14.52 -14.96
N LEU A 61 2.84 13.60 -15.71
CA LEU A 61 2.82 12.15 -15.41
C LEU A 61 4.22 11.51 -15.39
N LYS A 62 5.11 11.93 -16.31
CA LYS A 62 6.50 11.46 -16.38
C LYS A 62 7.19 11.80 -15.05
N ASP A 63 7.07 13.06 -14.59
CA ASP A 63 7.63 13.50 -13.30
C ASP A 63 7.07 12.66 -12.15
N GLU A 64 5.79 12.28 -12.20
CA GLU A 64 5.19 11.47 -11.12
C GLU A 64 5.81 10.06 -11.06
N LEU A 65 6.00 9.42 -12.24
CA LEU A 65 6.60 8.09 -12.29
C LEU A 65 8.04 8.12 -11.80
N LEU A 66 8.87 9.10 -12.26
CA LEU A 66 10.27 9.20 -11.83
C LEU A 66 10.40 9.52 -10.32
N ALA A 67 9.45 10.30 -9.77
CA ALA A 67 9.39 10.62 -8.32
C ALA A 67 9.10 9.34 -7.53
N GLU A 68 8.18 8.50 -8.05
CA GLU A 68 7.84 7.21 -7.45
C GLU A 68 9.11 6.31 -7.38
N ALA A 69 9.87 6.25 -8.50
CA ALA A 69 11.11 5.48 -8.56
C ALA A 69 12.10 5.99 -7.52
N ASN A 70 12.25 7.32 -7.44
CA ASN A 70 13.16 8.00 -6.50
C ASN A 70 12.78 7.69 -5.05
N VAL A 71 11.47 7.71 -4.72
CA VAL A 71 11.01 7.37 -3.37
C VAL A 71 11.46 5.94 -3.06
N MET A 72 11.19 4.98 -3.97
CA MET A 72 11.58 3.57 -3.77
C MET A 72 13.07 3.37 -3.51
N GLN A 73 13.93 4.14 -4.21
CA GLN A 73 15.39 4.05 -4.08
C GLN A 73 15.90 4.51 -2.71
N GLN A 74 15.14 5.42 -2.04
CA GLN A 74 15.47 5.96 -0.73
C GLN A 74 15.05 5.03 0.40
N LEU A 75 14.24 3.99 0.08
CA LEU A 75 13.73 3.07 1.09
C LEU A 75 14.45 1.75 1.05
N ASP A 76 14.69 1.16 2.22
CA ASP A 76 15.35 -0.13 2.33
C ASP A 76 14.78 -0.84 3.53
N ASN A 77 13.80 -1.71 3.28
CA ASN A 77 13.11 -2.44 4.34
C ASN A 77 12.60 -3.77 3.77
N PRO A 78 12.61 -4.86 4.57
CA PRO A 78 12.16 -6.16 4.03
C PRO A 78 10.69 -6.20 3.58
N TYR A 79 9.85 -5.24 4.02
CA TYR A 79 8.42 -5.22 3.71
C TYR A 79 8.05 -4.12 2.72
N ILE A 80 9.04 -3.66 1.94
CA ILE A 80 8.82 -2.64 0.93
C ILE A 80 9.40 -3.16 -0.37
N VAL A 81 8.59 -3.10 -1.44
CA VAL A 81 9.02 -3.56 -2.78
C VAL A 81 10.30 -2.85 -3.23
N ARG A 82 11.25 -3.62 -3.77
CA ARG A 82 12.50 -3.08 -4.29
C ARG A 82 12.39 -2.80 -5.77
N MET A 83 12.97 -1.68 -6.19
CA MET A 83 13.01 -1.40 -7.61
C MET A 83 14.38 -1.79 -8.15
N ILE A 84 14.41 -2.20 -9.42
CA ILE A 84 15.64 -2.65 -10.07
C ILE A 84 16.24 -1.49 -10.84
N GLY A 85 15.40 -0.76 -11.56
CA GLY A 85 15.85 0.39 -12.31
C GLY A 85 14.78 0.96 -13.19
N ILE A 86 15.13 2.02 -13.92
CA ILE A 86 14.23 2.68 -14.87
C ILE A 86 14.68 2.31 -16.27
N CYS A 87 13.74 2.22 -17.19
CA CYS A 87 14.09 1.93 -18.58
C CYS A 87 13.39 2.95 -19.45
N GLU A 88 14.19 3.78 -20.16
CA GLU A 88 13.67 4.81 -21.04
C GLU A 88 13.75 4.26 -22.46
N ALA A 89 12.62 3.77 -22.96
CA ALA A 89 12.58 3.16 -24.30
C ALA A 89 11.34 3.64 -25.07
N GLU A 90 10.46 2.71 -25.53
CA GLU A 90 9.23 3.05 -26.28
C GLU A 90 8.25 3.84 -25.40
N SER A 91 8.48 3.77 -24.08
CA SER A 91 7.75 4.47 -23.03
C SER A 91 8.67 4.52 -21.82
N TRP A 92 8.34 5.37 -20.85
CA TRP A 92 9.04 5.39 -19.59
C TRP A 92 8.56 4.15 -18.84
N MET A 93 9.50 3.40 -18.27
CA MET A 93 9.19 2.19 -17.54
C MET A 93 9.93 2.18 -16.21
N LEU A 94 9.25 1.68 -15.18
CA LEU A 94 9.79 1.47 -13.85
C LEU A 94 9.83 -0.06 -13.65
N VAL A 95 11.06 -0.60 -13.57
CA VAL A 95 11.28 -2.03 -13.41
C VAL A 95 11.50 -2.35 -11.95
N MET A 96 10.68 -3.25 -11.44
CA MET A 96 10.74 -3.65 -10.05
C MET A 96 10.71 -5.16 -9.88
N GLU A 97 11.04 -5.61 -8.67
CA GLU A 97 11.01 -7.03 -8.34
C GLU A 97 9.59 -7.51 -8.40
N MET A 98 9.40 -8.70 -8.98
CA MET A 98 8.09 -9.28 -9.15
C MET A 98 7.61 -9.99 -7.87
N ALA A 99 6.41 -9.64 -7.38
CA ALA A 99 5.80 -10.31 -6.24
C ALA A 99 4.85 -11.30 -6.90
N GLU A 100 5.30 -12.58 -6.98
CA GLU A 100 4.65 -13.66 -7.74
C GLU A 100 3.17 -13.85 -7.46
N LEU A 101 2.75 -13.71 -6.18
CA LEU A 101 1.38 -13.99 -5.81
C LEU A 101 0.44 -12.78 -5.96
N GLY A 102 1.02 -11.60 -6.19
CA GLY A 102 0.23 -10.40 -6.44
C GLY A 102 -0.54 -9.80 -5.29
N PRO A 103 -1.51 -8.90 -5.63
CA PRO A 103 -2.24 -8.14 -4.61
C PRO A 103 -3.03 -8.97 -3.62
N LEU A 104 -2.99 -8.53 -2.36
CA LEU A 104 -3.63 -9.21 -1.24
C LEU A 104 -5.15 -9.40 -1.41
N ASN A 105 -5.84 -8.38 -1.89
CA ASN A 105 -7.30 -8.48 -2.05
C ASN A 105 -7.68 -9.57 -3.05
N LYS A 106 -7.01 -9.59 -4.22
CA LYS A 106 -7.30 -10.60 -5.26
C LYS A 106 -6.90 -11.99 -4.75
N TYR A 107 -5.76 -12.07 -4.03
CA TYR A 107 -5.29 -13.36 -3.51
C TYR A 107 -6.31 -13.98 -2.55
N LEU A 108 -6.82 -13.17 -1.60
CA LEU A 108 -7.77 -13.66 -0.60
C LEU A 108 -9.10 -14.02 -1.22
N GLN A 109 -9.54 -13.26 -2.25
CA GLN A 109 -10.80 -13.58 -2.98
C GLN A 109 -10.70 -14.99 -3.59
N GLN A 110 -9.49 -15.36 -4.07
CA GLN A 110 -9.20 -16.64 -4.73
C GLN A 110 -8.75 -17.75 -3.77
N ASN A 111 -8.47 -17.39 -2.50
CA ASN A 111 -7.98 -18.34 -1.49
C ASN A 111 -8.69 -18.12 -0.15
N ARG A 112 -9.97 -18.52 -0.07
CA ARG A 112 -10.83 -18.37 1.12
C ARG A 112 -10.42 -19.24 2.30
N HIS A 113 -9.50 -20.21 2.06
CA HIS A 113 -8.93 -21.16 3.05
C HIS A 113 -7.84 -20.53 3.93
N VAL A 114 -7.28 -19.36 3.52
CA VAL A 114 -6.23 -18.67 4.28
C VAL A 114 -6.73 -18.42 5.70
N THR A 115 -5.89 -18.72 6.70
CA THR A 115 -6.30 -18.61 8.11
C THR A 115 -6.22 -17.21 8.65
N ASP A 116 -6.94 -16.97 9.78
CA ASP A 116 -6.89 -15.70 10.49
C ASP A 116 -5.45 -15.45 10.96
N LYS A 117 -4.74 -16.51 11.42
CA LYS A 117 -3.34 -16.41 11.88
C LYS A 117 -2.41 -15.89 10.74
N ASN A 118 -2.58 -16.44 9.53
CA ASN A 118 -1.80 -16.03 8.35
C ASN A 118 -2.13 -14.57 7.99
N ILE A 119 -3.40 -14.18 8.06
CA ILE A 119 -3.76 -12.77 7.77
C ILE A 119 -3.08 -11.85 8.78
N ILE A 120 -3.10 -12.23 10.07
CA ILE A 120 -2.46 -11.42 11.13
C ILE A 120 -0.98 -11.24 10.84
N GLU A 121 -0.30 -12.32 10.42
CA GLU A 121 1.12 -12.24 10.10
C GLU A 121 1.34 -11.25 8.96
N LEU A 122 0.52 -11.34 7.92
CA LEU A 122 0.67 -10.42 6.77
C LEU A 122 0.43 -8.94 7.11
N VAL A 123 -0.66 -8.62 7.85
CA VAL A 123 -0.91 -7.21 8.19
C VAL A 123 0.14 -6.71 9.22
N HIS A 124 0.67 -7.62 10.06
CA HIS A 124 1.76 -7.25 10.97
C HIS A 124 3.01 -6.88 10.15
N GLN A 125 3.30 -7.64 9.06
CA GLN A 125 4.44 -7.29 8.20
C GLN A 125 4.21 -5.90 7.59
N VAL A 126 2.98 -5.63 7.13
CA VAL A 126 2.66 -4.30 6.58
C VAL A 126 2.88 -3.23 7.68
N SER A 127 2.47 -3.50 8.93
CA SER A 127 2.64 -2.51 10.01
C SER A 127 4.12 -2.23 10.29
N MET A 128 4.99 -3.25 10.11
CA MET A 128 6.42 -3.05 10.27
C MET A 128 6.99 -2.19 9.18
N GLY A 129 6.59 -2.44 7.93
CA GLY A 129 7.04 -1.59 6.81
C GLY A 129 6.56 -0.15 7.01
N MET A 130 5.33 0.00 7.50
CA MET A 130 4.74 1.35 7.73
C MET A 130 5.41 2.08 8.89
N LYS A 131 5.83 1.34 9.94
CA LYS A 131 6.52 1.94 11.08
C LYS A 131 7.85 2.54 10.59
N TYR A 132 8.55 1.79 9.73
CA TYR A 132 9.80 2.20 9.05
C TYR A 132 9.51 3.45 8.22
N LEU A 133 8.42 3.46 7.44
CA LEU A 133 8.06 4.63 6.60
C LEU A 133 7.83 5.87 7.46
N GLU A 134 7.04 5.74 8.53
CA GLU A 134 6.75 6.83 9.48
C GLU A 134 8.03 7.40 10.11
N GLU A 135 8.91 6.51 10.62
CA GLU A 135 10.19 6.89 11.26
C GLU A 135 11.09 7.64 10.29
N SER A 136 10.96 7.33 8.97
CA SER A 136 11.73 7.93 7.89
C SER A 136 11.10 9.24 7.36
N ASN A 137 9.94 9.64 7.89
CA ASN A 137 9.24 10.87 7.48
C ASN A 137 8.66 10.75 6.07
N PHE A 138 8.13 9.57 5.71
CA PHE A 138 7.46 9.41 4.42
C PHE A 138 5.98 9.12 4.67
N VAL A 139 5.07 9.64 3.82
CA VAL A 139 3.64 9.31 3.87
C VAL A 139 3.33 8.52 2.61
N HIS A 140 2.58 7.41 2.72
CA HIS A 140 2.32 6.55 1.58
C HIS A 140 1.21 7.11 0.69
N ARG A 141 0.07 7.48 1.30
CA ARG A 141 -1.11 8.10 0.65
C ARG A 141 -1.90 7.19 -0.29
N ASP A 142 -1.61 5.88 -0.32
CA ASP A 142 -2.42 4.96 -1.14
C ASP A 142 -2.37 3.57 -0.50
N LEU A 143 -2.41 3.54 0.86
CA LEU A 143 -2.33 2.25 1.56
C LEU A 143 -3.68 1.55 1.49
N ALA A 144 -3.71 0.40 0.84
CA ALA A 144 -4.93 -0.38 0.58
C ALA A 144 -4.49 -1.82 0.30
N ALA A 145 -5.40 -2.79 0.44
CA ALA A 145 -5.06 -4.19 0.16
C ALA A 145 -4.54 -4.44 -1.27
N ARG A 146 -5.00 -3.64 -2.28
CA ARG A 146 -4.56 -3.80 -3.70
C ARG A 146 -3.06 -3.49 -3.82
N ASN A 147 -2.48 -2.76 -2.85
CA ASN A 147 -1.07 -2.36 -2.86
C ASN A 147 -0.18 -3.16 -1.94
N VAL A 148 -0.75 -4.20 -1.28
CA VAL A 148 0.04 -5.10 -0.44
C VAL A 148 0.23 -6.30 -1.36
N LEU A 149 1.49 -6.61 -1.71
CA LEU A 149 1.76 -7.70 -2.63
C LEU A 149 2.39 -8.88 -1.91
N LEU A 150 2.01 -10.09 -2.32
CA LEU A 150 2.52 -11.29 -1.71
C LEU A 150 3.66 -11.88 -2.51
N VAL A 151 4.83 -11.96 -1.87
CA VAL A 151 6.05 -12.59 -2.41
C VAL A 151 5.85 -14.10 -2.26
N THR A 152 5.33 -14.50 -1.08
CA THR A 152 4.93 -15.89 -0.79
C THR A 152 3.64 -15.74 0.01
N GLN A 153 2.99 -16.89 0.33
CA GLN A 153 1.77 -16.81 1.12
C GLN A 153 2.00 -16.21 2.55
N HIS A 154 3.25 -16.23 3.02
CA HIS A 154 3.59 -15.74 4.36
C HIS A 154 4.55 -14.55 4.32
N TYR A 155 4.63 -13.86 3.17
CA TYR A 155 5.53 -12.71 3.07
C TYR A 155 4.93 -11.63 2.18
N ALA A 156 4.52 -10.54 2.82
CA ALA A 156 3.88 -9.38 2.14
C ALA A 156 4.86 -8.22 2.01
N LYS A 157 4.66 -7.38 0.97
CA LYS A 157 5.45 -6.16 0.84
C LYS A 157 4.51 -5.03 0.42
N ILE A 158 4.85 -3.82 0.83
CA ILE A 158 4.07 -2.63 0.47
C ILE A 158 4.53 -2.14 -0.90
N SER A 159 3.58 -1.77 -1.73
CA SER A 159 3.83 -1.31 -3.07
C SER A 159 3.11 -0.01 -3.45
N ASP A 160 3.36 0.42 -4.67
CA ASP A 160 2.80 1.64 -5.24
C ASP A 160 3.00 2.94 -4.47
N PHE A 161 4.18 3.49 -4.64
CA PHE A 161 4.57 4.72 -4.00
C PHE A 161 4.24 5.95 -4.88
N GLY A 162 3.34 5.79 -5.83
CA GLY A 162 2.99 6.87 -6.76
C GLY A 162 2.51 8.16 -6.10
N LEU A 163 1.73 8.03 -5.00
CA LEU A 163 1.20 9.21 -4.32
C LEU A 163 2.03 9.56 -3.05
N SER A 164 3.13 8.85 -2.84
CA SER A 164 3.94 9.04 -1.63
C SER A 164 4.72 10.35 -1.61
N LYS A 165 4.99 10.85 -0.41
CA LYS A 165 5.73 12.11 -0.25
C LYS A 165 6.72 11.99 0.86
N ALA A 166 7.89 12.62 0.65
CA ALA A 166 8.93 12.70 1.67
C ALA A 166 8.68 14.02 2.38
N LEU A 167 8.40 13.95 3.67
CA LEU A 167 8.18 15.16 4.46
C LEU A 167 9.53 15.72 4.87
N ARG A 168 9.59 17.04 4.98
CA ARG A 168 10.78 17.68 5.49
C ARG A 168 10.88 17.39 6.99
N ALA A 169 12.08 17.50 7.58
CA ALA A 169 12.24 17.19 8.99
C ALA A 169 11.42 18.11 9.92
N ASP A 170 10.99 19.30 9.43
CA ASP A 170 10.23 20.26 10.26
C ASP A 170 8.73 20.29 9.96
N GLU A 171 8.20 19.21 9.35
CA GLU A 171 6.77 19.12 9.13
C GLU A 171 6.24 17.72 9.45
N ASN A 172 4.95 17.65 9.74
CA ASN A 172 4.37 16.36 10.08
C ASN A 172 3.18 16.02 9.19
N TYR A 173 2.96 16.82 8.15
CA TYR A 173 1.91 16.52 7.17
C TYR A 173 2.21 17.17 5.83
N TYR A 174 1.63 16.58 4.76
CA TYR A 174 1.71 17.08 3.39
C TYR A 174 0.35 17.69 3.07
N LYS A 175 0.34 18.93 2.59
CA LYS A 175 -0.91 19.57 2.20
C LYS A 175 -1.04 19.41 0.69
N ALA A 176 -2.07 18.70 0.25
CA ALA A 176 -2.28 18.50 -1.19
C ALA A 176 -2.75 19.81 -1.79
N GLN A 177 -2.19 20.16 -2.95
CA GLN A 177 -2.51 21.39 -3.66
C GLN A 177 -3.58 21.13 -4.71
N THR A 178 -3.57 19.93 -5.30
CA THR A 178 -4.54 19.49 -6.30
C THR A 178 -5.34 18.28 -5.77
N HIS A 179 -6.68 18.40 -5.83
CA HIS A 179 -7.61 17.33 -5.44
C HIS A 179 -7.77 16.47 -6.70
N GLY A 180 -6.89 15.48 -6.84
CA GLY A 180 -6.87 14.58 -7.99
C GLY A 180 -7.84 13.44 -7.85
N LYS A 181 -7.60 12.34 -8.59
CA LYS A 181 -8.44 11.15 -8.51
C LYS A 181 -7.96 10.43 -7.24
N TRP A 182 -8.72 10.57 -6.14
CA TRP A 182 -8.33 10.00 -4.86
C TRP A 182 -9.13 8.78 -4.43
N PRO A 183 -8.46 7.86 -3.75
CA PRO A 183 -9.14 6.65 -3.23
C PRO A 183 -9.80 6.99 -1.88
N VAL A 184 -10.88 7.78 -1.94
CA VAL A 184 -11.59 8.38 -0.79
C VAL A 184 -12.02 7.40 0.29
N LYS A 185 -12.42 6.16 -0.12
CA LYS A 185 -12.82 5.15 0.85
C LYS A 185 -11.68 4.68 1.73
N TRP A 186 -10.43 5.03 1.38
CA TRP A 186 -9.27 4.66 2.20
C TRP A 186 -8.72 5.86 2.98
N TYR A 187 -9.29 7.05 2.77
CA TYR A 187 -8.77 8.28 3.33
C TYR A 187 -9.40 8.69 4.64
N ALA A 188 -8.56 9.22 5.54
CA ALA A 188 -9.03 9.70 6.84
C ALA A 188 -9.82 11.01 6.66
N PRO A 189 -10.68 11.34 7.64
CA PRO A 189 -11.47 12.59 7.52
C PRO A 189 -10.65 13.86 7.28
N GLU A 190 -9.49 14.04 7.97
CA GLU A 190 -8.66 15.23 7.76
C GLU A 190 -8.13 15.34 6.31
N CYS A 191 -7.95 14.20 5.60
CA CYS A 191 -7.51 14.17 4.17
C CYS A 191 -8.65 14.68 3.31
N ILE A 192 -9.83 14.06 3.50
CA ILE A 192 -11.02 14.45 2.73
C ILE A 192 -11.42 15.89 3.02
N ASN A 193 -11.46 16.29 4.30
CA ASN A 193 -11.99 17.61 4.66
C ASN A 193 -11.01 18.75 4.49
N TYR A 194 -9.71 18.53 4.79
CA TYR A 194 -8.72 19.61 4.79
C TYR A 194 -7.47 19.37 3.94
N TYR A 195 -7.42 18.24 3.20
CA TYR A 195 -6.31 17.84 2.30
C TYR A 195 -4.97 17.64 3.03
N LYS A 196 -5.02 17.29 4.33
CA LYS A 196 -3.81 17.13 5.14
C LYS A 196 -3.50 15.64 5.30
N PHE A 197 -2.32 15.22 4.84
CA PHE A 197 -1.89 13.82 4.84
C PHE A 197 -0.68 13.59 5.74
N SER A 198 -0.85 12.75 6.77
CA SER A 198 0.26 12.47 7.71
C SER A 198 0.44 10.98 7.84
N SER A 199 1.41 10.55 8.67
CA SER A 199 1.53 9.13 8.92
C SER A 199 0.27 8.63 9.63
N LYS A 200 -0.35 9.49 10.48
CA LYS A 200 -1.61 9.11 11.13
C LYS A 200 -2.73 8.91 10.08
N SER A 201 -2.70 9.69 8.98
CA SER A 201 -3.68 9.46 7.89
C SER A 201 -3.42 8.07 7.30
N ASP A 202 -2.15 7.65 7.15
CA ASP A 202 -1.86 6.28 6.68
C ASP A 202 -2.38 5.22 7.68
N VAL A 203 -2.35 5.51 8.99
CA VAL A 203 -2.92 4.58 10.01
C VAL A 203 -4.42 4.33 9.73
N TRP A 204 -5.20 5.40 9.40
CA TRP A 204 -6.62 5.24 9.07
C TRP A 204 -6.74 4.26 7.89
N SER A 205 -5.98 4.50 6.81
CA SER A 205 -5.96 3.64 5.62
C SER A 205 -5.58 2.19 6.00
N PHE A 206 -4.65 2.04 6.96
CA PHE A 206 -4.23 0.71 7.42
C PHE A 206 -5.44 -0.02 8.05
N GLY A 207 -6.30 0.71 8.77
CA GLY A 207 -7.51 0.11 9.35
C GLY A 207 -8.42 -0.40 8.24
N VAL A 208 -8.58 0.39 7.16
CA VAL A 208 -9.41 -0.06 6.01
C VAL A 208 -8.76 -1.33 5.38
N LEU A 209 -7.43 -1.32 5.21
CA LEU A 209 -6.66 -2.46 4.68
C LEU A 209 -6.93 -3.72 5.54
N MET A 210 -6.88 -3.57 6.88
CA MET A 210 -7.15 -4.70 7.79
C MET A 210 -8.58 -5.21 7.57
N TRP A 211 -9.59 -4.31 7.44
CA TRP A 211 -10.96 -4.72 7.15
C TRP A 211 -11.00 -5.52 5.82
N GLU A 212 -10.35 -5.02 4.77
CA GLU A 212 -10.33 -5.72 3.46
C GLU A 212 -9.72 -7.11 3.61
N ALA A 213 -8.60 -7.23 4.36
CA ALA A 213 -7.91 -8.53 4.57
C ALA A 213 -8.82 -9.53 5.30
N PHE A 214 -9.39 -9.14 6.44
CA PHE A 214 -10.28 -10.02 7.22
C PHE A 214 -11.62 -10.29 6.50
N SER A 215 -11.96 -9.48 5.47
CA SER A 215 -13.16 -9.69 4.65
C SER A 215 -12.81 -10.46 3.38
N TYR A 216 -11.57 -10.96 3.27
CA TYR A 216 -11.10 -11.75 2.12
C TYR A 216 -11.24 -10.99 0.79
N GLY A 217 -10.86 -9.72 0.80
CA GLY A 217 -10.84 -8.88 -0.38
C GLY A 217 -12.17 -8.31 -0.84
N GLN A 218 -13.16 -8.19 0.06
CA GLN A 218 -14.43 -7.55 -0.28
C GLN A 218 -14.19 -6.04 -0.40
N LYS A 219 -15.01 -5.37 -1.20
CA LYS A 219 -14.87 -3.92 -1.37
C LYS A 219 -15.35 -3.19 -0.09
N PRO A 220 -14.62 -2.19 0.43
CA PRO A 220 -15.14 -1.46 1.61
C PRO A 220 -16.27 -0.50 1.23
N TYR A 221 -17.26 -0.28 2.11
CA TYR A 221 -18.37 0.67 1.87
C TYR A 221 -19.01 0.42 0.47
N ARG A 222 -19.26 -0.86 0.10
CA ARG A 222 -19.74 -1.22 -1.24
C ARG A 222 -21.01 -0.50 -1.64
N GLY A 223 -20.97 0.10 -2.83
CA GLY A 223 -22.10 0.82 -3.41
C GLY A 223 -22.31 2.23 -2.88
N MET A 224 -21.55 2.65 -1.86
CA MET A 224 -21.72 3.99 -1.24
C MET A 224 -20.99 5.11 -1.97
N LYS A 225 -21.58 6.32 -1.99
CA LYS A 225 -20.96 7.51 -2.57
C LYS A 225 -19.98 8.03 -1.54
N GLY A 226 -18.97 8.80 -1.98
CA GLY A 226 -18.00 9.42 -1.08
C GLY A 226 -18.69 10.25 0.00
N SER A 227 -19.73 11.00 -0.39
CA SER A 227 -20.49 11.84 0.55
C SER A 227 -21.20 10.99 1.63
N GLU A 228 -21.69 9.78 1.27
CA GLU A 228 -22.37 8.89 2.23
C GLU A 228 -21.35 8.32 3.24
N VAL A 229 -20.13 8.01 2.77
CA VAL A 229 -19.06 7.50 3.62
C VAL A 229 -18.69 8.61 4.65
N THR A 230 -18.48 9.86 4.17
CA THR A 230 -18.18 11.02 5.03
C THR A 230 -19.26 11.19 6.12
N ALA A 231 -20.56 11.16 5.73
CA ALA A 231 -21.69 11.27 6.65
C ALA A 231 -21.64 10.17 7.72
N MET A 232 -21.38 8.92 7.29
CA MET A 232 -21.30 7.75 8.17
C MET A 232 -20.20 7.93 9.24
N LEU A 233 -19.00 8.31 8.81
CA LEU A 233 -17.86 8.50 9.72
C LEU A 233 -18.11 9.63 10.70
N GLU A 234 -18.71 10.73 10.23
CA GLU A 234 -18.97 11.92 11.04
C GLU A 234 -19.88 11.55 12.24
N LYS A 235 -20.77 10.58 12.06
CA LYS A 235 -21.69 10.28 13.16
C LYS A 235 -21.17 9.12 14.03
N GLY A 236 -19.89 8.78 13.86
CA GLY A 236 -19.25 7.76 14.69
C GLY A 236 -19.48 6.32 14.29
N GLU A 237 -20.09 6.09 13.12
CA GLU A 237 -20.29 4.74 12.63
C GLU A 237 -19.14 4.27 11.75
N ARG A 238 -18.92 2.95 11.70
CA ARG A 238 -17.79 2.35 10.99
C ARG A 238 -18.23 1.07 10.31
N MET A 239 -17.40 0.56 9.39
CA MET A 239 -17.71 -0.72 8.77
C MET A 239 -17.84 -1.80 9.86
N GLY A 240 -18.66 -2.80 9.59
CA GLY A 240 -18.91 -3.87 10.55
C GLY A 240 -17.75 -4.81 10.72
N CYS A 241 -17.84 -5.67 11.74
CA CYS A 241 -16.81 -6.67 12.00
C CYS A 241 -16.94 -7.79 10.98
N PRO A 242 -15.89 -8.09 10.18
CA PRO A 242 -16.00 -9.18 9.19
C PRO A 242 -16.27 -10.53 9.85
N ALA A 243 -16.98 -11.42 9.17
CA ALA A 243 -17.28 -12.77 9.69
C ALA A 243 -15.96 -13.51 10.00
N GLY A 244 -15.86 -14.04 11.22
CA GLY A 244 -14.67 -14.78 11.65
C GLY A 244 -13.50 -13.92 12.08
N CYS A 245 -13.65 -12.57 12.02
CA CYS A 245 -12.55 -11.68 12.42
C CYS A 245 -12.39 -11.67 13.95
N PRO A 246 -11.17 -11.88 14.50
CA PRO A 246 -11.01 -11.82 15.97
C PRO A 246 -11.37 -10.44 16.53
N ARG A 247 -12.01 -10.43 17.73
CA ARG A 247 -12.42 -9.18 18.39
C ARG A 247 -11.24 -8.20 18.50
N GLU A 248 -10.04 -8.69 18.90
CA GLU A 248 -8.84 -7.85 19.05
C GLU A 248 -8.49 -7.14 17.75
N MET A 249 -8.74 -7.79 16.61
CA MET A 249 -8.40 -7.22 15.31
C MET A 249 -9.42 -6.19 14.89
N TYR A 250 -10.71 -6.43 15.22
CA TYR A 250 -11.74 -5.40 14.96
C TYR A 250 -11.54 -4.17 15.87
N ASP A 251 -11.10 -4.41 17.13
CA ASP A 251 -10.84 -3.30 18.07
C ASP A 251 -9.67 -2.46 17.52
N LEU A 252 -8.65 -3.11 16.96
CA LEU A 252 -7.52 -2.41 16.34
C LEU A 252 -7.98 -1.60 15.13
N MET A 253 -8.88 -2.18 14.29
CA MET A 253 -9.45 -1.42 13.16
C MET A 253 -10.10 -0.15 13.68
N ASN A 254 -10.96 -0.29 14.72
CA ASN A 254 -11.63 0.86 15.29
C ASN A 254 -10.68 1.91 15.86
N LEU A 255 -9.54 1.46 16.46
CA LEU A 255 -8.54 2.40 16.99
C LEU A 255 -7.90 3.15 15.79
N CYS A 256 -7.62 2.42 14.68
CA CYS A 256 -7.05 3.10 13.48
C CYS A 256 -8.04 4.12 12.94
N TRP A 257 -9.35 3.84 13.14
CA TRP A 257 -10.41 4.73 12.69
C TRP A 257 -10.80 5.76 13.75
N THR A 258 -9.84 6.21 14.59
CA THR A 258 -10.12 7.28 15.55
C THR A 258 -10.36 8.55 14.70
N TYR A 259 -11.50 9.20 14.87
CA TYR A 259 -11.82 10.37 14.02
C TYR A 259 -10.79 11.49 14.10
N ASP A 260 -10.47 11.92 15.33
CA ASP A 260 -9.53 13.02 15.60
C ASP A 260 -8.12 12.56 15.37
N VAL A 261 -7.43 13.19 14.40
CA VAL A 261 -6.08 12.76 14.02
C VAL A 261 -5.10 12.81 15.23
N GLU A 262 -5.23 13.82 16.13
N GLU A 262 -5.24 13.82 16.13
CA GLU A 262 -4.33 13.95 17.30
CA GLU A 262 -4.35 13.97 17.29
C GLU A 262 -4.40 12.73 18.20
C GLU A 262 -4.42 12.78 18.24
N ASN A 263 -5.61 12.18 18.39
CA ASN A 263 -5.83 11.03 19.28
C ASN A 263 -5.62 9.67 18.64
N ARG A 264 -5.49 9.62 17.31
CA ARG A 264 -5.27 8.36 16.60
C ARG A 264 -3.85 7.85 16.89
N PRO A 265 -3.65 6.53 17.04
CA PRO A 265 -2.29 6.03 17.27
C PRO A 265 -1.42 6.18 16.02
N GLY A 266 -0.11 6.18 16.23
CA GLY A 266 0.85 6.12 15.14
C GLY A 266 1.17 4.65 14.86
N PHE A 267 2.06 4.37 13.87
CA PHE A 267 2.40 2.98 13.56
C PHE A 267 3.18 2.27 14.65
N ALA A 268 3.89 2.98 15.56
CA ALA A 268 4.58 2.24 16.63
C ALA A 268 3.53 1.52 17.53
N ALA A 269 2.43 2.21 17.86
CA ALA A 269 1.39 1.61 18.70
C ALA A 269 0.64 0.50 17.95
N VAL A 270 0.39 0.71 16.65
CA VAL A 270 -0.31 -0.26 15.81
C VAL A 270 0.53 -1.55 15.67
N GLU A 271 1.81 -1.42 15.31
CA GLU A 271 2.71 -2.56 15.16
C GLU A 271 2.82 -3.32 16.50
N LEU A 272 2.88 -2.61 17.64
CA LEU A 272 2.97 -3.27 18.96
C LEU A 272 1.73 -4.14 19.21
N ARG A 273 0.54 -3.60 18.96
CA ARG A 273 -0.71 -4.35 19.18
C ARG A 273 -0.75 -5.58 18.30
N LEU A 274 -0.33 -5.43 17.02
CA LEU A 274 -0.29 -6.59 16.12
C LEU A 274 0.72 -7.63 16.56
N ARG A 275 1.94 -7.20 16.91
CA ARG A 275 2.99 -8.11 17.39
C ARG A 275 2.46 -8.92 18.59
N ASN A 276 1.86 -8.22 19.59
CA ASN A 276 1.35 -8.89 20.80
C ASN A 276 0.26 -9.91 20.47
N TYR A 277 -0.70 -9.52 19.61
CA TYR A 277 -1.79 -10.43 19.27
C TYR A 277 -1.30 -11.65 18.50
N TYR A 278 -0.34 -11.42 17.59
CA TYR A 278 0.26 -12.53 16.85
C TYR A 278 0.93 -13.52 17.77
N TYR A 279 1.64 -13.01 18.81
CA TYR A 279 2.30 -13.93 19.73
C TYR A 279 1.29 -14.67 20.64
N ASP A 280 0.12 -14.07 20.90
CA ASP A 280 -0.93 -14.74 21.66
C ASP A 280 -1.59 -15.84 20.84
N VAL A 281 -1.82 -15.60 19.53
CA VAL A 281 -2.44 -16.56 18.62
C VAL A 281 -1.56 -17.81 18.45
N VAL A 282 -0.25 -17.58 18.16
CA VAL A 282 0.75 -18.64 17.99
C VAL A 282 0.90 -19.48 19.28
N ASN A 283 0.90 -18.82 20.45
CA ASN A 283 1.12 -19.49 21.74
C ASN A 283 -0.15 -20.08 22.41
N GLU A 284 -1.38 -19.68 21.98
CA GLU A 284 -2.59 -20.29 22.54
C GLU A 284 -2.78 -21.71 21.97
N GLY A 285 -2.33 -21.91 20.72
CA GLY A 285 -2.41 -23.19 20.02
C GLY A 285 -1.57 -23.23 18.77
#